data_7YQ0
#
_entry.id   7YQ0
#
_cell.length_a   65.080
_cell.length_b   74.320
_cell.length_c   109.870
_cell.angle_alpha   90.00
_cell.angle_beta   90.00
_cell.angle_gamma   90.00
#
_symmetry.space_group_name_H-M   'P 21 21 21'
#
loop_
_entity.id
_entity.type
_entity.pdbx_description
1 polymer 'Adenylyl-sulfate kinase'
2 non-polymer "ADENOSINE-5'-DIPHOSPHATE"
3 non-polymer GLYCEROL
4 non-polymer 'SODIUM ION'
5 water water
#
_entity_poly.entity_id   1
_entity_poly.type   'polypeptide(L)'
_entity_poly.pdbx_seq_one_letter_code
;ATSMSFVIWITGPSGAGKTTLANALYKKLESMGYRVELLDGDGVRRKLYPNLGFSEEERWMHNRVVVEMARRLSRNGIIT
IVSVVSPYRAWREYARKEIEKFVEVYPRCPLEVRMKRDPKGLYSKALRGEIKGLTGLDGEYEEPENPEVVVDTDKMTVEE
EVEAVLKKLMELGYL
;
_entity_poly.pdbx_strand_id   A,B
#
# COMPACT_ATOMS: atom_id res chain seq x y z
N SER A 3 -8.72 -15.33 -9.58
CA SER A 3 -8.70 -13.88 -9.50
C SER A 3 -7.48 -13.38 -8.69
N MET A 4 -6.83 -14.29 -7.95
CA MET A 4 -5.57 -13.96 -7.29
C MET A 4 -4.43 -13.92 -8.32
N SER A 5 -3.71 -12.81 -8.38
CA SER A 5 -2.53 -12.71 -9.24
C SER A 5 -1.27 -12.96 -8.42
N PHE A 6 -0.11 -12.55 -8.94
CA PHE A 6 1.15 -12.92 -8.31
C PHE A 6 2.06 -11.70 -8.21
N VAL A 7 3.11 -11.84 -7.41
CA VAL A 7 4.09 -10.80 -7.17
C VAL A 7 5.45 -11.31 -7.62
N ILE A 8 6.13 -10.55 -8.46
CA ILE A 8 7.51 -10.83 -8.82
C ILE A 8 8.37 -9.98 -7.92
N TRP A 9 9.02 -10.62 -6.94
CA TRP A 9 9.79 -9.93 -5.90
C TRP A 9 11.26 -10.00 -6.29
N ILE A 10 11.80 -8.89 -6.80
CA ILE A 10 13.18 -8.86 -7.28
C ILE A 10 14.07 -8.29 -6.17
N THR A 11 14.94 -9.15 -5.63
CA THR A 11 15.82 -8.85 -4.51
C THR A 11 17.26 -8.95 -4.98
N GLY A 12 18.15 -8.19 -4.35
CA GLY A 12 19.55 -8.28 -4.69
C GLY A 12 20.25 -7.00 -4.28
N PRO A 13 21.57 -7.03 -4.20
CA PRO A 13 22.33 -5.85 -3.75
C PRO A 13 22.24 -4.72 -4.77
N SER A 14 22.57 -3.51 -4.30
CA SER A 14 22.55 -2.33 -5.17
CA SER A 14 22.53 -2.35 -5.18
C SER A 14 23.41 -2.55 -6.40
N GLY A 15 22.88 -2.17 -7.57
CA GLY A 15 23.61 -2.31 -8.81
C GLY A 15 23.58 -3.67 -9.45
N ALA A 16 22.80 -4.61 -8.91
CA ALA A 16 22.73 -5.96 -9.49
C ALA A 16 21.94 -6.00 -10.79
N GLY A 17 21.08 -5.03 -11.04
CA GLY A 17 20.25 -4.99 -12.21
C GLY A 17 18.76 -5.15 -11.94
N LYS A 18 18.31 -4.90 -10.71
CA LYS A 18 16.92 -5.14 -10.32
C LYS A 18 15.97 -4.22 -11.08
N THR A 19 16.23 -2.91 -11.07
CA THR A 19 15.32 -1.98 -11.73
C THR A 19 15.27 -2.21 -13.21
N THR A 20 16.42 -2.51 -13.82
CA THR A 20 16.44 -2.81 -15.24
C THR A 20 15.55 -4.00 -15.57
N LEU A 21 15.66 -5.07 -14.79
CA LEU A 21 14.83 -6.25 -15.05
C LEU A 21 13.36 -5.96 -14.76
N ALA A 22 13.09 -5.23 -13.67
CA ALA A 22 11.72 -4.88 -13.29
C ALA A 22 11.02 -4.14 -14.41
N ASN A 23 11.70 -3.13 -14.98
CA ASN A 23 11.15 -2.32 -16.07
CA ASN A 23 11.07 -2.36 -16.04
C ASN A 23 10.90 -3.16 -17.32
N ALA A 24 11.82 -4.09 -17.60
CA ALA A 24 11.67 -4.88 -18.81
C ALA A 24 10.54 -5.90 -18.65
N LEU A 25 10.39 -6.45 -17.43
CA LEU A 25 9.27 -7.36 -17.16
C LEU A 25 7.95 -6.63 -17.25
N TYR A 26 7.89 -5.43 -16.69
CA TYR A 26 6.68 -4.59 -16.80
C TYR A 26 6.29 -4.39 -18.25
N LYS A 27 7.26 -3.99 -19.08
CA LYS A 27 6.92 -3.71 -20.47
C LYS A 27 6.50 -5.00 -21.18
N LYS A 28 7.17 -6.11 -20.88
CA LYS A 28 6.83 -7.36 -21.55
C LYS A 28 5.40 -7.81 -21.18
N LEU A 29 5.06 -7.79 -19.90
CA LEU A 29 3.74 -8.27 -19.49
C LEU A 29 2.63 -7.32 -19.93
N GLU A 30 2.89 -6.02 -19.90
CA GLU A 30 1.95 -5.07 -20.46
C GLU A 30 1.75 -5.28 -21.96
N SER A 31 2.82 -5.61 -22.70
CA SER A 31 2.68 -5.87 -24.13
C SER A 31 1.86 -7.14 -24.40
N MET A 32 1.86 -8.08 -23.47
CA MET A 32 1.03 -9.27 -23.63
C MET A 32 -0.42 -9.04 -23.21
N GLY A 33 -0.74 -7.84 -22.74
CA GLY A 33 -2.10 -7.47 -22.42
C GLY A 33 -2.48 -7.48 -20.96
N TYR A 34 -1.53 -7.69 -20.05
CA TYR A 34 -1.85 -7.82 -18.64
C TYR A 34 -1.86 -6.48 -17.92
N ARG A 35 -2.69 -6.37 -16.89
CA ARG A 35 -2.61 -5.25 -15.95
C ARG A 35 -1.47 -5.51 -14.98
N VAL A 36 -0.56 -4.55 -14.86
CA VAL A 36 0.68 -4.69 -14.13
C VAL A 36 0.93 -3.41 -13.35
N GLU A 37 1.53 -3.55 -12.17
CA GLU A 37 1.94 -2.40 -11.37
C GLU A 37 3.37 -2.63 -10.91
N LEU A 38 4.20 -1.62 -11.04
CA LEU A 38 5.60 -1.67 -10.62
CA LEU A 38 5.59 -1.69 -10.61
C LEU A 38 5.75 -0.93 -9.29
N LEU A 39 6.24 -1.61 -8.26
CA LEU A 39 6.60 -0.96 -7.00
C LEU A 39 8.11 -0.83 -6.97
N ASP A 40 8.60 0.35 -7.30
CA ASP A 40 10.01 0.69 -7.18
C ASP A 40 10.30 1.09 -5.74
N GLY A 41 11.08 0.28 -5.02
CA GLY A 41 11.27 0.53 -3.60
C GLY A 41 11.75 1.93 -3.28
N ASP A 42 12.72 2.44 -4.04
CA ASP A 42 13.25 3.77 -3.76
C ASP A 42 12.23 4.87 -4.07
N GLY A 43 11.45 4.69 -5.14
CA GLY A 43 10.40 5.66 -5.44
C GLY A 43 9.28 5.67 -4.40
N VAL A 44 8.94 4.50 -3.86
CA VAL A 44 7.98 4.42 -2.77
C VAL A 44 8.49 5.18 -1.54
N ARG A 45 9.76 4.94 -1.20
CA ARG A 45 10.38 5.68 -0.10
C ARG A 45 10.29 7.19 -0.30
N ARG A 46 10.55 7.65 -1.52
CA ARG A 46 10.59 9.10 -1.78
C ARG A 46 9.21 9.72 -1.63
N LYS A 47 8.17 8.97 -2.01
CA LYS A 47 6.79 9.46 -1.92
C LYS A 47 6.27 9.43 -0.48
N LEU A 48 6.49 8.33 0.22
CA LEU A 48 5.80 8.11 1.48
C LEU A 48 6.54 8.68 2.69
N TYR A 49 7.88 8.55 2.71
CA TYR A 49 8.64 8.93 3.89
C TYR A 49 10.05 9.29 3.43
N PRO A 50 10.19 10.41 2.71
CA PRO A 50 11.51 10.79 2.20
C PRO A 50 12.52 11.07 3.29
N ASN A 51 12.12 11.28 4.54
CA ASN A 51 13.09 11.51 5.61
C ASN A 51 13.45 10.24 6.38
N LEU A 52 12.82 9.11 6.07
CA LEU A 52 13.17 7.86 6.72
C LEU A 52 14.63 7.52 6.45
N GLY A 53 15.33 7.09 7.48
CA GLY A 53 16.71 6.67 7.34
C GLY A 53 16.85 5.24 6.87
N PHE A 54 18.08 4.71 7.06
CA PHE A 54 18.45 3.41 6.51
C PHE A 54 19.00 2.49 7.59
N SER A 55 18.58 2.72 8.84
CA SER A 55 18.82 1.74 9.88
C SER A 55 18.11 0.44 9.57
N GLU A 56 18.54 -0.65 10.22
CA GLU A 56 17.89 -1.92 9.95
C GLU A 56 16.39 -1.85 10.26
N GLU A 57 16.01 -1.18 11.35
CA GLU A 57 14.60 -1.10 11.70
C GLU A 57 13.81 -0.24 10.72
N GLU A 58 14.43 0.84 10.21
CA GLU A 58 13.74 1.66 9.22
C GLU A 58 13.58 0.92 7.90
N ARG A 59 14.59 0.16 7.48
CA ARG A 59 14.46 -0.57 6.21
C ARG A 59 13.43 -1.67 6.33
N TRP A 60 13.34 -2.30 7.49
CA TRP A 60 12.35 -3.34 7.72
C TRP A 60 10.93 -2.78 7.62
N MET A 61 10.73 -1.57 8.14
CA MET A 61 9.40 -0.97 8.08
C MET A 61 9.04 -0.66 6.64
N HIS A 62 10.02 -0.16 5.88
CA HIS A 62 9.79 0.09 4.47
C HIS A 62 9.42 -1.21 3.74
N ASN A 63 10.17 -2.29 4.00
CA ASN A 63 9.85 -3.56 3.35
C ASN A 63 8.44 -4.02 3.71
N ARG A 64 8.01 -3.81 4.96
CA ARG A 64 6.67 -4.26 5.34
CA ARG A 64 6.67 -4.24 5.35
C ARG A 64 5.59 -3.48 4.61
N VAL A 65 5.80 -2.17 4.39
CA VAL A 65 4.90 -1.34 3.59
C VAL A 65 4.81 -1.86 2.15
N VAL A 66 5.96 -2.16 1.55
CA VAL A 66 5.95 -2.65 0.16
C VAL A 66 5.26 -4.01 0.07
N VAL A 67 5.49 -4.90 1.04
CA VAL A 67 4.81 -6.20 1.05
C VAL A 67 3.30 -6.00 1.08
N GLU A 68 2.83 -5.10 1.93
CA GLU A 68 1.39 -4.92 2.06
C GLU A 68 0.79 -4.33 0.79
N MET A 69 1.48 -3.37 0.15
CA MET A 69 0.97 -2.86 -1.13
C MET A 69 0.91 -3.98 -2.16
N ALA A 70 1.94 -4.79 -2.24
CA ALA A 70 1.95 -5.89 -3.22
C ALA A 70 0.89 -6.94 -2.91
N ARG A 71 0.66 -7.23 -1.62
CA ARG A 71 -0.39 -8.16 -1.24
CA ARG A 71 -0.39 -8.17 -1.25
C ARG A 71 -1.76 -7.68 -1.72
N ARG A 72 -2.06 -6.40 -1.47
CA ARG A 72 -3.37 -5.86 -1.85
C ARG A 72 -3.54 -5.79 -3.35
N LEU A 73 -2.50 -5.41 -4.08
CA LEU A 73 -2.65 -5.34 -5.52
C LEU A 73 -2.83 -6.73 -6.11
N SER A 74 -1.98 -7.68 -5.72
CA SER A 74 -2.02 -8.98 -6.38
C SER A 74 -3.32 -9.71 -6.05
N ARG A 75 -3.83 -9.59 -4.82
CA ARG A 75 -5.07 -10.30 -4.56
C ARG A 75 -6.27 -9.70 -5.28
N ASN A 76 -6.13 -8.54 -5.90
CA ASN A 76 -7.15 -7.98 -6.77
C ASN A 76 -6.83 -8.16 -8.25
N GLY A 77 -5.96 -9.11 -8.59
CA GLY A 77 -5.74 -9.48 -9.97
C GLY A 77 -4.69 -8.71 -10.70
N ILE A 78 -3.88 -7.91 -10.01
CA ILE A 78 -2.89 -7.06 -10.66
C ILE A 78 -1.53 -7.73 -10.48
N ILE A 79 -0.85 -8.03 -11.58
CA ILE A 79 0.52 -8.52 -11.47
C ILE A 79 1.37 -7.42 -10.87
N THR A 80 2.07 -7.70 -9.80
CA THR A 80 2.85 -6.67 -9.11
C THR A 80 4.32 -7.01 -9.18
N ILE A 81 5.14 -6.08 -9.65
CA ILE A 81 6.59 -6.27 -9.76
C ILE A 81 7.23 -5.40 -8.70
N VAL A 82 8.04 -5.99 -7.81
CA VAL A 82 8.67 -5.26 -6.73
C VAL A 82 10.17 -5.25 -6.98
N SER A 83 10.80 -4.08 -6.82
CA SER A 83 12.26 -3.94 -6.90
C SER A 83 12.72 -3.31 -5.59
N VAL A 84 13.30 -4.14 -4.72
CA VAL A 84 13.79 -3.70 -3.42
CA VAL A 84 13.79 -3.72 -3.40
C VAL A 84 15.03 -4.52 -3.08
N VAL A 85 16.00 -3.90 -2.40
CA VAL A 85 17.19 -4.67 -2.02
C VAL A 85 16.81 -5.87 -1.14
N SER A 86 15.95 -5.64 -0.13
CA SER A 86 15.49 -6.62 0.87
C SER A 86 16.57 -7.64 1.22
N PRO A 87 17.56 -7.24 2.03
CA PRO A 87 18.81 -7.99 2.12
C PRO A 87 18.78 -9.21 3.02
N TYR A 88 17.80 -9.35 3.90
CA TYR A 88 17.75 -10.45 4.85
C TYR A 88 16.75 -11.52 4.42
N ARG A 89 17.15 -12.79 4.55
CA ARG A 89 16.25 -13.89 4.24
C ARG A 89 14.96 -13.81 5.04
N ALA A 90 15.05 -13.41 6.32
CA ALA A 90 13.86 -13.34 7.16
C ALA A 90 12.84 -12.35 6.61
N TRP A 91 13.30 -11.27 5.98
CA TRP A 91 12.34 -10.31 5.44
C TRP A 91 11.65 -10.87 4.20
N ARG A 92 12.39 -11.59 3.36
CA ARG A 92 11.79 -12.18 2.17
C ARG A 92 10.91 -13.37 2.52
N GLU A 93 11.21 -14.06 3.64
CA GLU A 93 10.32 -15.13 4.08
CA GLU A 93 10.33 -15.13 4.11
C GLU A 93 9.02 -14.57 4.64
N TYR A 94 9.07 -13.37 5.24
CA TYR A 94 7.86 -12.65 5.62
C TYR A 94 7.04 -12.26 4.39
N ALA A 95 7.69 -11.67 3.38
CA ALA A 95 6.99 -11.35 2.14
C ALA A 95 6.32 -12.60 1.56
N ARG A 96 7.05 -13.71 1.54
CA ARG A 96 6.53 -14.96 1.00
C ARG A 96 5.29 -15.44 1.75
N LYS A 97 5.30 -15.36 3.08
CA LYS A 97 4.12 -15.79 3.81
C LYS A 97 2.94 -14.83 3.66
N GLU A 98 3.19 -13.55 3.38
CA GLU A 98 2.10 -12.59 3.22
C GLU A 98 1.46 -12.66 1.85
N ILE A 99 2.20 -13.10 0.85
CA ILE A 99 1.77 -13.05 -0.55
C ILE A 99 1.53 -14.47 -1.03
N GLU A 100 0.33 -14.73 -1.56
CA GLU A 100 -0.04 -16.11 -1.86
C GLU A 100 0.83 -16.68 -2.97
N LYS A 101 1.01 -15.94 -4.06
CA LYS A 101 1.73 -16.40 -5.23
C LYS A 101 2.98 -15.55 -5.37
N PHE A 102 4.07 -16.00 -4.75
CA PHE A 102 5.27 -15.20 -4.54
C PHE A 102 6.36 -15.74 -5.45
N VAL A 103 6.91 -14.90 -6.33
CA VAL A 103 7.94 -15.32 -7.27
C VAL A 103 9.20 -14.55 -6.91
N GLU A 104 10.11 -15.18 -6.17
CA GLU A 104 11.34 -14.53 -5.75
C GLU A 104 12.39 -14.62 -6.87
N VAL A 105 12.89 -13.46 -7.32
CA VAL A 105 13.84 -13.38 -8.42
C VAL A 105 15.11 -12.73 -7.90
N TYR A 106 16.25 -13.41 -8.09
CA TYR A 106 17.54 -12.95 -7.60
C TYR A 106 18.48 -12.66 -8.76
N PRO A 107 18.71 -11.37 -9.12
CA PRO A 107 19.77 -11.04 -10.07
C PRO A 107 21.11 -11.08 -9.37
N ARG A 108 21.90 -12.10 -9.70
CA ARG A 108 23.17 -12.39 -9.06
C ARG A 108 24.29 -11.80 -9.90
N CYS A 109 25.19 -11.05 -9.26
CA CYS A 109 26.21 -10.33 -10.02
C CYS A 109 27.40 -10.04 -9.11
N PRO A 110 28.62 -10.40 -9.49
CA PRO A 110 29.79 -10.11 -8.63
C PRO A 110 29.92 -8.62 -8.36
N LEU A 111 30.39 -8.29 -7.15
CA LEU A 111 30.56 -6.88 -6.82
C LEU A 111 31.41 -6.14 -7.84
N GLU A 112 32.47 -6.78 -8.33
CA GLU A 112 33.35 -6.13 -9.30
C GLU A 112 32.55 -5.67 -10.53
N VAL A 113 31.59 -6.46 -10.99
CA VAL A 113 30.80 -6.04 -12.14
C VAL A 113 29.79 -4.98 -11.76
N ARG A 114 29.16 -5.11 -10.59
CA ARG A 114 28.22 -4.10 -10.15
CA ARG A 114 28.23 -4.09 -10.14
C ARG A 114 28.89 -2.73 -10.09
N MET A 115 30.11 -2.66 -9.54
CA MET A 115 30.79 -1.37 -9.48
C MET A 115 31.17 -0.87 -10.88
N LYS A 116 31.67 -1.76 -11.74
CA LYS A 116 32.08 -1.33 -13.08
C LYS A 116 30.90 -0.74 -13.87
N ARG A 117 29.70 -1.24 -13.63
CA ARG A 117 28.54 -0.80 -14.40
C ARG A 117 27.98 0.54 -13.93
N ASP A 118 28.23 0.93 -12.68
CA ASP A 118 27.72 2.21 -12.23
C ASP A 118 28.57 2.77 -11.10
N PRO A 119 29.80 3.20 -11.37
CA PRO A 119 30.65 3.69 -10.29
C PRO A 119 30.10 4.94 -9.62
N LYS A 120 29.54 5.87 -10.39
CA LYS A 120 29.06 7.12 -9.77
C LYS A 120 27.79 6.90 -8.97
N GLY A 121 26.90 6.04 -9.45
CA GLY A 121 25.67 5.77 -8.71
C GLY A 121 25.92 5.06 -7.39
N LEU A 122 26.79 4.05 -7.40
CA LEU A 122 27.12 3.35 -6.15
C LEU A 122 27.84 4.26 -5.18
N TYR A 123 28.78 5.07 -5.69
CA TYR A 123 29.48 6.03 -4.84
C TYR A 123 28.50 6.96 -4.14
N SER A 124 27.57 7.54 -4.89
CA SER A 124 26.59 8.46 -4.32
C SER A 124 25.73 7.79 -3.25
N LYS A 125 25.25 6.57 -3.52
CA LYS A 125 24.41 5.88 -2.53
C LYS A 125 25.19 5.56 -1.27
N ALA A 126 26.45 5.16 -1.43
CA ALA A 126 27.26 4.83 -0.26
C ALA A 126 27.56 6.09 0.55
N LEU A 127 27.81 7.20 -0.15
CA LEU A 127 28.09 8.46 0.53
CA LEU A 127 28.09 8.47 0.51
C LEU A 127 26.89 8.96 1.32
N ARG A 128 25.68 8.65 0.87
CA ARG A 128 24.44 9.07 1.54
C ARG A 128 24.03 8.12 2.66
N GLY A 129 24.74 7.01 2.86
CA GLY A 129 24.32 6.07 3.88
C GLY A 129 23.24 5.12 3.44
N GLU A 130 22.97 5.04 2.14
CA GLU A 130 21.93 4.17 1.61
C GLU A 130 22.40 2.75 1.43
N ILE A 131 23.71 2.57 1.26
CA ILE A 131 24.35 1.26 1.14
C ILE A 131 25.28 1.15 2.33
N LYS A 132 25.05 0.17 3.20
CA LYS A 132 25.88 0.02 4.38
C LYS A 132 27.08 -0.89 4.10
N GLY A 133 28.16 -0.67 4.84
CA GLY A 133 29.36 -1.43 4.56
C GLY A 133 30.38 -1.31 5.66
N LEU A 134 29.94 -1.53 6.91
CA LEU A 134 30.84 -1.39 8.04
C LEU A 134 32.10 -2.22 7.87
N THR A 135 31.96 -3.41 7.31
CA THR A 135 33.12 -4.27 7.06
C THR A 135 33.37 -4.47 5.57
N GLY A 136 32.76 -3.65 4.73
CA GLY A 136 32.84 -3.84 3.30
C GLY A 136 31.48 -3.95 2.63
N LEU A 137 31.43 -3.76 1.32
CA LEU A 137 30.16 -3.71 0.59
C LEU A 137 29.45 -5.05 0.53
N ASP A 138 30.20 -6.15 0.53
CA ASP A 138 29.60 -7.46 0.30
C ASP A 138 29.16 -8.13 1.59
N GLY A 139 29.18 -7.41 2.71
CA GLY A 139 28.94 -8.05 3.99
C GLY A 139 27.48 -8.35 4.24
N GLU A 140 26.58 -7.44 3.88
CA GLU A 140 25.24 -7.49 4.46
C GLU A 140 24.29 -8.43 3.74
N TYR A 141 24.32 -8.49 2.41
CA TYR A 141 23.25 -9.16 1.68
C TYR A 141 23.27 -10.66 1.94
N GLU A 142 22.10 -11.23 2.25
CA GLU A 142 21.94 -12.67 2.45
C GLU A 142 21.29 -13.30 1.21
N GLU A 143 22.05 -14.14 0.51
CA GLU A 143 21.56 -14.68 -0.76
C GLU A 143 20.37 -15.61 -0.52
N PRO A 144 19.37 -15.56 -1.40
CA PRO A 144 18.26 -16.51 -1.32
C PRO A 144 18.76 -17.94 -1.46
N GLU A 145 18.18 -18.83 -0.66
CA GLU A 145 18.62 -20.22 -0.72
C GLU A 145 17.91 -21.00 -1.82
N ASN A 146 16.62 -20.77 -2.03
CA ASN A 146 15.88 -21.47 -3.08
C ASN A 146 14.88 -20.54 -3.74
N PRO A 147 15.37 -19.50 -4.43
CA PRO A 147 14.45 -18.59 -5.11
C PRO A 147 13.84 -19.26 -6.33
N GLU A 148 12.68 -18.74 -6.74
CA GLU A 148 12.04 -19.24 -7.95
C GLU A 148 12.93 -19.02 -9.18
N VAL A 149 13.66 -17.92 -9.24
CA VAL A 149 14.51 -17.61 -10.38
C VAL A 149 15.83 -17.02 -9.86
N VAL A 150 16.96 -17.51 -10.36
CA VAL A 150 18.24 -16.81 -10.23
C VAL A 150 18.73 -16.50 -11.63
N VAL A 151 19.10 -15.25 -11.88
CA VAL A 151 19.71 -14.88 -13.15
C VAL A 151 21.08 -14.27 -12.83
N ASP A 152 22.07 -14.63 -13.62
CA ASP A 152 23.42 -14.06 -13.48
C ASP A 152 23.54 -12.90 -14.45
N THR A 153 23.44 -11.67 -13.93
CA THR A 153 23.32 -10.53 -14.81
C THR A 153 24.64 -10.13 -15.43
N ASP A 154 25.75 -10.70 -14.99
CA ASP A 154 27.04 -10.48 -15.64
C ASP A 154 27.24 -11.40 -16.83
N LYS A 155 26.32 -12.35 -17.04
CA LYS A 155 26.42 -13.37 -18.07
C LYS A 155 25.23 -13.38 -19.01
N MET A 156 24.12 -12.75 -18.65
CA MET A 156 22.91 -12.75 -19.45
C MET A 156 22.57 -11.33 -19.88
N THR A 157 21.91 -11.23 -21.03
CA THR A 157 21.26 -9.99 -21.41
C THR A 157 19.95 -9.83 -20.65
N VAL A 158 19.44 -8.60 -20.63
CA VAL A 158 18.16 -8.34 -19.99
C VAL A 158 17.06 -9.16 -20.66
N GLU A 159 17.13 -9.30 -21.98
CA GLU A 159 16.14 -10.12 -22.70
C GLU A 159 16.16 -11.56 -22.22
N GLU A 160 17.36 -12.12 -21.99
CA GLU A 160 17.47 -13.49 -21.45
C GLU A 160 16.97 -13.58 -20.02
N GLU A 161 17.19 -12.52 -19.22
CA GLU A 161 16.66 -12.52 -17.86
C GLU A 161 15.14 -12.52 -17.87
N VAL A 162 14.55 -11.72 -18.75
CA VAL A 162 13.09 -11.69 -18.88
C VAL A 162 12.58 -13.06 -19.30
N GLU A 163 13.26 -13.70 -20.26
CA GLU A 163 12.83 -15.01 -20.72
C GLU A 163 12.89 -16.03 -19.58
N ALA A 164 13.92 -15.94 -18.72
CA ALA A 164 14.03 -16.88 -17.60
C ALA A 164 12.87 -16.70 -16.63
N VAL A 165 12.51 -15.45 -16.34
CA VAL A 165 11.39 -15.22 -15.43
C VAL A 165 10.09 -15.72 -16.06
N LEU A 166 9.85 -15.37 -17.33
CA LEU A 166 8.62 -15.80 -17.98
C LEU A 166 8.51 -17.32 -18.01
N LYS A 167 9.60 -18.02 -18.32
CA LYS A 167 9.57 -19.48 -18.33
CA LYS A 167 9.51 -19.47 -18.35
C LYS A 167 9.10 -20.02 -17.00
N LYS A 168 9.58 -19.43 -15.91
CA LYS A 168 9.21 -19.92 -14.59
C LYS A 168 7.73 -19.60 -14.31
N LEU A 169 7.26 -18.42 -14.73
CA LEU A 169 5.85 -18.09 -14.56
C LEU A 169 4.97 -19.08 -15.31
N MET A 170 5.43 -19.53 -16.48
CA MET A 170 4.66 -20.50 -17.22
C MET A 170 4.63 -21.82 -16.47
N GLU A 171 5.82 -22.27 -16.02
CA GLU A 171 5.94 -23.54 -15.31
C GLU A 171 5.08 -23.56 -14.05
N LEU A 172 5.00 -22.42 -13.35
CA LEU A 172 4.16 -22.30 -12.16
C LEU A 172 2.67 -22.28 -12.49
N GLY A 173 2.30 -22.09 -13.76
CA GLY A 173 0.91 -21.93 -14.08
C GLY A 173 0.34 -20.56 -13.79
N TYR A 174 1.18 -19.55 -13.61
CA TYR A 174 0.68 -18.24 -13.20
C TYR A 174 0.20 -17.41 -14.38
N LEU A 175 0.58 -17.79 -15.59
CA LEU A 175 0.04 -17.20 -16.80
C LEU A 175 -0.62 -18.28 -17.61
N SER B 3 -8.26 1.41 -16.62
CA SER B 3 -9.42 2.22 -16.28
C SER B 3 -9.35 2.71 -14.84
N MET B 4 -9.47 4.02 -14.66
CA MET B 4 -9.38 4.64 -13.34
C MET B 4 -10.67 4.36 -12.57
N SER B 5 -10.54 3.79 -11.37
CA SER B 5 -11.70 3.61 -10.52
C SER B 5 -11.73 4.73 -9.46
N PHE B 6 -12.49 4.54 -8.39
CA PHE B 6 -12.73 5.60 -7.40
C PHE B 6 -12.45 5.08 -6.00
N VAL B 7 -12.34 6.03 -5.05
CA VAL B 7 -12.09 5.75 -3.66
C VAL B 7 -13.24 6.35 -2.87
N ILE B 8 -13.83 5.56 -1.99
CA ILE B 8 -14.83 6.03 -1.02
C ILE B 8 -14.10 6.21 0.29
N TRP B 9 -13.96 7.45 0.73
CA TRP B 9 -13.17 7.79 1.90
C TRP B 9 -14.16 8.10 3.02
N ILE B 10 -14.34 7.16 3.93
CA ILE B 10 -15.32 7.27 5.01
C ILE B 10 -14.59 7.77 6.26
N THR B 11 -14.94 8.96 6.71
CA THR B 11 -14.22 9.68 7.74
C THR B 11 -15.17 10.02 8.88
N GLY B 12 -14.68 9.95 10.11
CA GLY B 12 -15.50 10.33 11.24
C GLY B 12 -15.03 9.70 12.52
N PRO B 13 -15.54 10.18 13.65
CA PRO B 13 -15.10 9.67 14.94
C PRO B 13 -15.55 8.23 15.16
N SER B 14 -14.95 7.62 16.18
CA SER B 14 -15.26 6.25 16.59
CA SER B 14 -15.27 6.24 16.53
C SER B 14 -16.75 6.09 16.88
N GLY B 15 -17.33 4.97 16.43
CA GLY B 15 -18.73 4.70 16.68
C GLY B 15 -19.71 5.40 15.78
N ALA B 16 -19.23 6.18 14.80
CA ALA B 16 -20.12 6.85 13.88
C ALA B 16 -20.73 5.90 12.85
N GLY B 17 -20.14 4.73 12.68
CA GLY B 17 -20.66 3.71 11.78
C GLY B 17 -19.85 3.54 10.51
N LYS B 18 -18.53 3.85 10.57
CA LYS B 18 -17.70 3.79 9.36
C LYS B 18 -17.51 2.37 8.86
N THR B 19 -17.17 1.45 9.76
CA THR B 19 -16.90 0.06 9.35
C THR B 19 -18.15 -0.61 8.81
N THR B 20 -19.27 -0.38 9.49
CA THR B 20 -20.56 -0.95 9.09
C THR B 20 -20.96 -0.48 7.70
N LEU B 21 -20.81 0.82 7.45
CA LEU B 21 -21.12 1.32 6.12
C LEU B 21 -20.10 0.82 5.10
N ALA B 22 -18.83 0.78 5.47
CA ALA B 22 -17.81 0.24 4.57
C ALA B 22 -18.14 -1.19 4.17
N ASN B 23 -18.51 -2.03 5.13
CA ASN B 23 -18.79 -3.43 4.81
C ASN B 23 -20.03 -3.56 3.93
N ALA B 24 -21.04 -2.73 4.17
CA ALA B 24 -22.27 -2.81 3.39
C ALA B 24 -22.04 -2.33 1.97
N LEU B 25 -21.24 -1.28 1.81
CA LEU B 25 -20.89 -0.82 0.46
C LEU B 25 -20.06 -1.87 -0.26
N TYR B 26 -19.16 -2.54 0.46
CA TYR B 26 -18.37 -3.58 -0.17
C TYR B 26 -19.27 -4.69 -0.71
N LYS B 27 -20.18 -5.15 0.13
CA LYS B 27 -21.09 -6.21 -0.29
CA LYS B 27 -21.11 -6.20 -0.29
C LYS B 27 -21.94 -5.76 -1.47
N LYS B 28 -22.45 -4.52 -1.44
CA LYS B 28 -23.29 -4.03 -2.52
C LYS B 28 -22.51 -3.92 -3.83
N LEU B 29 -21.33 -3.29 -3.81
CA LEU B 29 -20.59 -3.08 -5.05
C LEU B 29 -20.05 -4.40 -5.59
N GLU B 30 -19.70 -5.34 -4.71
CA GLU B 30 -19.26 -6.65 -5.20
C GLU B 30 -20.41 -7.39 -5.86
N SER B 31 -21.61 -7.30 -5.30
CA SER B 31 -22.77 -7.93 -5.90
C SER B 31 -23.11 -7.34 -7.26
N MET B 32 -22.70 -6.10 -7.52
CA MET B 32 -22.86 -5.46 -8.82
C MET B 32 -21.76 -5.85 -9.80
N GLY B 33 -20.79 -6.66 -9.40
CA GLY B 33 -19.79 -7.15 -10.32
C GLY B 33 -18.45 -6.46 -10.25
N TYR B 34 -18.24 -5.53 -9.33
CA TYR B 34 -16.98 -4.80 -9.22
C TYR B 34 -15.96 -5.54 -8.35
N ARG B 35 -14.68 -5.35 -8.70
CA ARG B 35 -13.59 -5.65 -7.78
CA ARG B 35 -13.57 -5.64 -7.79
C ARG B 35 -13.46 -4.51 -6.77
N VAL B 36 -13.46 -4.86 -5.48
CA VAL B 36 -13.47 -3.87 -4.40
C VAL B 36 -12.46 -4.30 -3.35
N GLU B 37 -11.78 -3.31 -2.76
CA GLU B 37 -10.87 -3.59 -1.65
C GLU B 37 -11.25 -2.71 -0.47
N LEU B 38 -11.31 -3.31 0.72
CA LEU B 38 -11.56 -2.61 1.98
C LEU B 38 -10.25 -2.29 2.65
N LEU B 39 -10.04 -1.02 2.96
CA LEU B 39 -8.80 -0.56 3.56
CA LEU B 39 -8.79 -0.54 3.55
C LEU B 39 -9.14 0.15 4.87
N ASP B 40 -8.92 -0.53 5.99
CA ASP B 40 -9.18 0.04 7.30
C ASP B 40 -7.90 0.73 7.78
N GLY B 41 -7.98 2.04 8.01
CA GLY B 41 -6.76 2.80 8.25
C GLY B 41 -6.05 2.42 9.53
N ASP B 42 -6.81 2.21 10.61
CA ASP B 42 -6.18 1.79 11.86
C ASP B 42 -5.70 0.36 11.78
N GLY B 43 -6.42 -0.49 11.04
CA GLY B 43 -5.93 -1.84 10.80
C GLY B 43 -4.58 -1.83 10.10
N VAL B 44 -4.40 -0.94 9.12
CA VAL B 44 -3.12 -0.86 8.41
C VAL B 44 -2.01 -0.44 9.37
N ARG B 45 -2.29 0.55 10.22
CA ARG B 45 -1.28 0.98 11.19
C ARG B 45 -0.90 -0.16 12.13
N ARG B 46 -1.88 -0.94 12.59
CA ARG B 46 -1.60 -2.02 13.53
C ARG B 46 -0.82 -3.15 12.86
N LYS B 47 -1.09 -3.42 11.58
CA LYS B 47 -0.35 -4.42 10.84
C LYS B 47 1.08 -3.95 10.53
N LEU B 48 1.22 -2.76 9.94
CA LEU B 48 2.51 -2.36 9.39
C LEU B 48 3.49 -1.91 10.46
N TYR B 49 3.04 -1.10 11.42
CA TYR B 49 3.96 -0.45 12.36
C TYR B 49 3.23 -0.20 13.67
N PRO B 50 2.92 -1.27 14.42
CA PRO B 50 2.17 -1.10 15.67
C PRO B 50 2.92 -0.32 16.73
N ASN B 51 4.22 -0.16 16.57
CA ASN B 51 5.01 0.60 17.54
C ASN B 51 5.22 2.03 17.09
N LEU B 52 4.70 2.42 15.92
CA LEU B 52 4.82 3.79 15.46
C LEU B 52 4.04 4.71 16.41
N GLY B 53 4.64 5.86 16.71
CA GLY B 53 4.02 6.83 17.59
C GLY B 53 2.96 7.65 16.89
N PHE B 54 2.52 8.71 17.58
CA PHE B 54 1.42 9.53 17.11
C PHE B 54 1.80 11.01 17.07
N SER B 55 3.08 11.30 16.87
CA SER B 55 3.47 12.67 16.58
C SER B 55 2.83 13.09 15.27
N GLU B 56 2.79 14.42 15.06
CA GLU B 56 2.24 14.92 13.80
C GLU B 56 2.96 14.35 12.59
N GLU B 57 4.29 14.27 12.65
CA GLU B 57 5.04 13.75 11.51
C GLU B 57 4.72 12.27 11.24
N GLU B 58 4.56 11.47 12.29
CA GLU B 58 4.21 10.05 12.12
C GLU B 58 2.79 9.88 11.62
N ARG B 59 1.85 10.70 12.10
CA ARG B 59 0.49 10.59 11.59
C ARG B 59 0.41 11.05 10.15
N TRP B 60 1.22 12.04 9.78
CA TRP B 60 1.28 12.47 8.38
C TRP B 60 1.81 11.34 7.51
N MET B 61 2.87 10.67 7.95
CA MET B 61 3.39 9.51 7.23
C MET B 61 2.30 8.49 6.99
N HIS B 62 1.59 8.13 8.05
CA HIS B 62 0.58 7.09 7.92
C HIS B 62 -0.53 7.51 6.96
N ASN B 63 -0.96 8.79 7.03
CA ASN B 63 -1.92 9.29 6.07
C ASN B 63 -1.40 9.08 4.65
N ARG B 64 -0.12 9.37 4.42
CA ARG B 64 0.41 9.22 3.06
C ARG B 64 0.42 7.75 2.64
N VAL B 65 0.72 6.85 3.56
CA VAL B 65 0.72 5.41 3.22
C VAL B 65 -0.68 4.95 2.82
N VAL B 66 -1.70 5.32 3.60
CA VAL B 66 -3.07 4.90 3.30
C VAL B 66 -3.52 5.48 1.96
N VAL B 67 -3.25 6.77 1.74
CA VAL B 67 -3.64 7.42 0.49
C VAL B 67 -2.96 6.74 -0.71
N GLU B 68 -1.68 6.43 -0.58
CA GLU B 68 -0.97 5.79 -1.70
C GLU B 68 -1.49 4.38 -1.97
N MET B 69 -1.78 3.60 -0.94
CA MET B 69 -2.40 2.31 -1.19
CA MET B 69 -2.40 2.31 -1.21
C MET B 69 -3.69 2.48 -1.99
N ALA B 70 -4.53 3.43 -1.58
CA ALA B 70 -5.79 3.67 -2.30
C ALA B 70 -5.53 4.17 -3.71
N ARG B 71 -4.53 5.04 -3.88
CA ARG B 71 -4.23 5.55 -5.22
CA ARG B 71 -4.23 5.55 -5.22
C ARG B 71 -3.79 4.42 -6.14
N ARG B 72 -2.92 3.53 -5.66
CA ARG B 72 -2.46 2.43 -6.52
C ARG B 72 -3.58 1.47 -6.85
N LEU B 73 -4.44 1.17 -5.89
CA LEU B 73 -5.54 0.24 -6.19
C LEU B 73 -6.51 0.86 -7.17
N SER B 74 -6.92 2.11 -6.94
CA SER B 74 -7.96 2.69 -7.78
C SER B 74 -7.46 2.95 -9.20
N ARG B 75 -6.16 3.24 -9.37
CA ARG B 75 -5.62 3.46 -10.72
C ARG B 75 -5.56 2.15 -11.51
N ASN B 76 -5.65 1.00 -10.86
CA ASN B 76 -5.72 -0.29 -11.52
C ASN B 76 -7.14 -0.85 -11.55
N GLY B 77 -8.14 0.01 -11.37
CA GLY B 77 -9.52 -0.38 -11.59
C GLY B 77 -10.23 -1.00 -10.42
N ILE B 78 -9.66 -0.93 -9.23
CA ILE B 78 -10.20 -1.55 -8.03
C ILE B 78 -10.88 -0.45 -7.22
N ILE B 79 -12.16 -0.60 -6.92
CA ILE B 79 -12.82 0.34 -6.01
C ILE B 79 -12.20 0.17 -4.63
N THR B 80 -11.74 1.26 -4.03
CA THR B 80 -11.16 1.17 -2.70
C THR B 80 -12.07 1.91 -1.73
N ILE B 81 -12.50 1.22 -0.68
CA ILE B 81 -13.31 1.78 0.39
C ILE B 81 -12.41 1.92 1.60
N VAL B 82 -12.13 3.16 1.99
CA VAL B 82 -11.24 3.46 3.10
C VAL B 82 -12.08 3.84 4.29
N SER B 83 -11.89 3.14 5.39
CA SER B 83 -12.55 3.43 6.66
C SER B 83 -11.47 3.96 7.58
N VAL B 84 -11.52 5.26 7.88
CA VAL B 84 -10.38 5.88 8.55
C VAL B 84 -10.89 7.08 9.32
N VAL B 85 -10.51 7.20 10.58
CA VAL B 85 -10.98 8.34 11.37
C VAL B 85 -10.67 9.66 10.65
N SER B 86 -9.40 9.83 10.20
CA SER B 86 -8.92 11.00 9.44
C SER B 86 -9.51 12.31 9.98
N PRO B 87 -9.05 12.74 11.14
CA PRO B 87 -9.69 13.87 11.83
C PRO B 87 -9.43 15.23 11.24
N TYR B 88 -8.43 15.42 10.37
CA TYR B 88 -8.05 16.77 9.92
C TYR B 88 -8.50 17.06 8.50
N ARG B 89 -9.18 18.20 8.32
CA ARG B 89 -9.60 18.63 6.99
C ARG B 89 -8.41 18.72 6.02
N ALA B 90 -7.27 19.22 6.49
CA ALA B 90 -6.15 19.40 5.56
C ALA B 90 -5.59 18.07 5.09
N TRP B 91 -5.61 17.03 5.93
CA TRP B 91 -5.07 15.78 5.45
CA TRP B 91 -5.14 15.69 5.57
C TRP B 91 -6.04 15.05 4.53
N ARG B 92 -7.34 15.30 4.66
CA ARG B 92 -8.29 14.77 3.70
C ARG B 92 -8.21 15.56 2.40
N GLU B 93 -7.80 16.83 2.43
CA GLU B 93 -7.56 17.54 1.17
CA GLU B 93 -7.59 17.50 1.14
C GLU B 93 -6.37 16.94 0.42
N TYR B 94 -5.35 16.50 1.16
CA TYR B 94 -4.24 15.79 0.52
C TYR B 94 -4.76 14.54 -0.20
N ALA B 95 -5.55 13.72 0.52
CA ALA B 95 -6.12 12.53 -0.11
C ALA B 95 -6.92 12.88 -1.35
N ARG B 96 -7.77 13.92 -1.26
CA ARG B 96 -8.57 14.37 -2.39
C ARG B 96 -7.72 14.74 -3.59
N LYS B 97 -6.58 15.40 -3.35
CA LYS B 97 -5.71 15.79 -4.47
CA LYS B 97 -5.69 15.79 -4.45
C LYS B 97 -5.03 14.57 -5.09
N GLU B 98 -4.64 13.59 -4.29
CA GLU B 98 -3.92 12.43 -4.80
C GLU B 98 -4.83 11.47 -5.59
N ILE B 99 -6.11 11.44 -5.26
CA ILE B 99 -7.04 10.45 -5.81
CA ILE B 99 -7.07 10.45 -5.80
C ILE B 99 -7.90 11.12 -6.87
N GLU B 100 -7.89 10.60 -8.09
CA GLU B 100 -8.63 11.25 -9.18
C GLU B 100 -10.12 11.31 -8.90
N LYS B 101 -10.71 10.20 -8.44
CA LYS B 101 -12.16 10.09 -8.28
C LYS B 101 -12.42 9.83 -6.80
N PHE B 102 -12.57 10.91 -6.04
CA PHE B 102 -12.56 10.87 -4.59
C PHE B 102 -13.97 11.09 -4.06
N VAL B 103 -14.46 10.18 -3.21
CA VAL B 103 -15.81 10.31 -2.68
C VAL B 103 -15.71 10.36 -1.17
N GLU B 104 -15.77 11.56 -0.60
CA GLU B 104 -15.67 11.73 0.83
C GLU B 104 -17.05 11.52 1.46
N VAL B 105 -17.13 10.61 2.43
CA VAL B 105 -18.40 10.22 3.05
C VAL B 105 -18.27 10.47 4.54
N TYR B 106 -19.19 11.27 5.10
CA TYR B 106 -19.13 11.62 6.51
C TYR B 106 -20.33 11.04 7.25
N PRO B 107 -20.16 9.97 8.05
CA PRO B 107 -21.22 9.49 8.96
C PRO B 107 -21.26 10.41 10.16
N ARG B 108 -22.29 11.24 10.21
CA ARG B 108 -22.48 12.24 11.25
C ARG B 108 -23.41 11.65 12.30
N CYS B 109 -22.97 11.65 13.54
CA CYS B 109 -23.67 10.91 14.59
C CYS B 109 -23.41 11.56 15.95
N PRO B 110 -24.44 11.95 16.72
CA PRO B 110 -24.17 12.62 18.00
C PRO B 110 -23.42 11.70 18.95
N LEU B 111 -22.69 12.34 19.87
CA LEU B 111 -21.85 11.59 20.82
C LEU B 111 -22.65 10.54 21.57
N GLU B 112 -23.87 10.89 22.04
CA GLU B 112 -24.70 9.94 22.77
C GLU B 112 -24.89 8.63 22.00
N VAL B 113 -25.09 8.74 20.70
CA VAL B 113 -25.38 7.54 19.92
C VAL B 113 -24.09 6.79 19.61
N ARG B 114 -23.00 7.52 19.36
CA ARG B 114 -21.71 6.84 19.14
C ARG B 114 -21.34 6.01 20.36
N MET B 115 -21.63 6.53 21.54
CA MET B 115 -21.32 5.88 22.80
C MET B 115 -22.15 4.61 22.99
N LYS B 116 -23.32 4.55 22.37
CA LYS B 116 -24.18 3.38 22.42
C LYS B 116 -23.91 2.40 21.27
N ARG B 117 -22.89 2.68 20.48
CA ARG B 117 -22.48 1.87 19.34
C ARG B 117 -20.99 1.61 19.38
N ASP B 118 -20.51 1.16 20.53
CA ASP B 118 -19.08 1.17 20.88
C ASP B 118 -18.72 -0.21 21.41
N PRO B 119 -18.78 -1.24 20.56
CA PRO B 119 -18.54 -2.61 21.06
C PRO B 119 -17.15 -2.81 21.66
N LYS B 120 -16.13 -2.11 21.17
CA LYS B 120 -14.78 -2.21 21.74
C LYS B 120 -14.61 -1.38 23.02
N GLY B 121 -15.62 -0.61 23.42
CA GLY B 121 -15.51 0.09 24.69
C GLY B 121 -14.52 1.24 24.68
N LEU B 122 -14.33 1.86 23.52
CA LEU B 122 -13.32 2.90 23.41
C LEU B 122 -13.66 4.13 24.23
N TYR B 123 -14.93 4.56 24.23
CA TYR B 123 -15.28 5.77 24.97
C TYR B 123 -15.09 5.60 26.47
N SER B 124 -15.47 4.44 26.98
CA SER B 124 -15.25 4.13 28.39
C SER B 124 -13.75 4.13 28.71
N LYS B 125 -12.94 3.51 27.85
CA LYS B 125 -11.50 3.52 28.06
C LYS B 125 -10.95 4.95 28.06
N ALA B 126 -11.39 5.77 27.10
CA ALA B 126 -10.90 7.15 27.03
C ALA B 126 -11.30 7.94 28.27
N LEU B 127 -12.53 7.76 28.76
CA LEU B 127 -12.95 8.51 29.95
C LEU B 127 -12.19 8.07 31.19
N ARG B 128 -11.75 6.81 31.26
CA ARG B 128 -10.96 6.41 32.42
C ARG B 128 -9.47 6.51 32.17
N GLY B 129 -9.05 7.17 31.10
CA GLY B 129 -7.66 7.46 30.87
C GLY B 129 -6.84 6.30 30.36
N GLU B 130 -7.46 5.15 30.08
CA GLU B 130 -6.73 4.00 29.60
C GLU B 130 -6.23 4.20 28.18
N ILE B 131 -6.93 5.00 27.39
CA ILE B 131 -6.44 5.45 26.10
C ILE B 131 -6.60 6.95 26.08
N LYS B 132 -5.87 7.62 25.19
CA LYS B 132 -5.88 9.08 25.13
C LYS B 132 -5.96 9.52 23.68
N GLY B 133 -6.51 10.71 23.48
CA GLY B 133 -6.65 11.23 22.13
C GLY B 133 -7.66 10.48 21.27
N LEU B 134 -8.72 9.95 21.86
CA LEU B 134 -9.78 9.30 21.08
C LEU B 134 -10.56 10.37 20.31
N THR B 135 -10.51 10.31 18.98
CA THR B 135 -11.20 11.32 18.18
C THR B 135 -12.70 11.19 18.41
N GLY B 136 -13.34 12.30 18.73
CA GLY B 136 -14.75 12.29 19.10
C GLY B 136 -14.99 12.28 20.58
N LEU B 137 -13.93 12.22 21.38
CA LEU B 137 -14.07 12.44 22.81
C LEU B 137 -13.05 13.49 23.25
N ASP B 138 -11.81 13.09 23.56
CA ASP B 138 -10.81 14.07 23.95
C ASP B 138 -9.94 14.54 22.78
N GLY B 139 -10.06 13.91 21.62
CA GLY B 139 -9.50 14.45 20.39
C GLY B 139 -10.59 15.12 19.55
N GLU B 140 -10.28 16.29 19.03
CA GLU B 140 -11.25 16.97 18.17
C GLU B 140 -11.33 16.32 16.79
N TYR B 141 -12.53 16.31 16.24
CA TYR B 141 -12.78 15.89 14.87
C TYR B 141 -13.11 17.13 14.05
N GLU B 142 -12.42 17.33 12.92
CA GLU B 142 -12.69 18.45 12.03
C GLU B 142 -13.68 18.02 10.96
N GLU B 143 -14.91 18.53 11.03
CA GLU B 143 -15.95 18.08 10.13
C GLU B 143 -15.67 18.53 8.70
N PRO B 144 -15.95 17.69 7.71
CA PRO B 144 -15.79 18.11 6.30
C PRO B 144 -16.66 19.32 5.97
N GLU B 145 -16.09 20.24 5.19
CA GLU B 145 -16.87 21.41 4.78
CA GLU B 145 -16.86 21.41 4.76
C GLU B 145 -17.84 21.06 3.64
N ASN B 146 -17.41 20.27 2.66
CA ASN B 146 -18.24 19.94 1.50
CA ASN B 146 -18.26 19.94 1.52
C ASN B 146 -17.98 18.49 1.10
N PRO B 147 -18.35 17.54 1.93
CA PRO B 147 -18.19 16.13 1.52
C PRO B 147 -19.17 15.76 0.42
N GLU B 148 -18.81 14.73 -0.35
CA GLU B 148 -19.73 14.22 -1.37
C GLU B 148 -21.01 13.68 -0.74
N VAL B 149 -20.91 13.04 0.43
CA VAL B 149 -22.06 12.45 1.11
C VAL B 149 -21.95 12.73 2.60
N VAL B 150 -23.05 13.18 3.21
CA VAL B 150 -23.21 13.18 4.66
C VAL B 150 -24.40 12.29 4.98
N VAL B 151 -24.20 11.33 5.88
CA VAL B 151 -25.31 10.50 6.35
C VAL B 151 -25.44 10.65 7.85
N ASP B 152 -26.66 10.92 8.32
CA ASP B 152 -26.90 10.96 9.76
C ASP B 152 -27.20 9.54 10.24
N THR B 153 -26.20 8.89 10.80
CA THR B 153 -26.36 7.46 11.04
C THR B 153 -27.21 7.17 12.27
N ASP B 154 -27.56 8.20 13.05
CA ASP B 154 -28.58 8.00 14.08
C ASP B 154 -29.99 8.10 13.53
N LYS B 155 -30.16 8.54 12.29
CA LYS B 155 -31.48 8.73 11.73
C LYS B 155 -31.75 7.83 10.52
N MET B 156 -30.72 7.18 9.98
CA MET B 156 -30.84 6.37 8.78
C MET B 156 -30.46 4.94 9.12
N THR B 157 -31.04 4.00 8.38
CA THR B 157 -30.60 2.63 8.45
C THR B 157 -29.38 2.44 7.55
N VAL B 158 -28.66 1.35 7.75
CA VAL B 158 -27.48 1.10 6.91
C VAL B 158 -27.88 1.00 5.46
N GLU B 159 -28.99 0.32 5.17
CA GLU B 159 -29.42 0.19 3.78
C GLU B 159 -29.74 1.56 3.18
N GLU B 160 -30.30 2.47 3.99
CA GLU B 160 -30.54 3.83 3.53
C GLU B 160 -29.23 4.57 3.28
N GLU B 161 -28.21 4.32 4.11
CA GLU B 161 -26.91 4.95 3.88
C GLU B 161 -26.27 4.45 2.59
N VAL B 162 -26.36 3.14 2.34
CA VAL B 162 -25.81 2.57 1.11
C VAL B 162 -26.51 3.18 -0.10
N GLU B 163 -27.85 3.26 -0.03
CA GLU B 163 -28.57 3.85 -1.15
CA GLU B 163 -28.64 3.89 -1.11
C GLU B 163 -28.17 5.31 -1.35
N ALA B 164 -27.89 6.05 -0.27
CA ALA B 164 -27.49 7.44 -0.41
C ALA B 164 -26.11 7.56 -1.08
N VAL B 165 -25.17 6.71 -0.69
CA VAL B 165 -23.85 6.70 -1.32
C VAL B 165 -23.96 6.31 -2.79
N LEU B 166 -24.73 5.24 -3.06
CA LEU B 166 -24.90 4.79 -4.43
C LEU B 166 -25.51 5.87 -5.31
N LYS B 167 -26.52 6.57 -4.77
CA LYS B 167 -27.14 7.65 -5.54
C LYS B 167 -26.11 8.71 -5.92
N LYS B 168 -25.24 9.07 -4.98
CA LYS B 168 -24.21 10.07 -5.29
C LYS B 168 -23.20 9.52 -6.29
N LEU B 169 -22.82 8.23 -6.16
CA LEU B 169 -21.92 7.63 -7.15
C LEU B 169 -22.52 7.70 -8.54
N MET B 170 -23.84 7.50 -8.64
CA MET B 170 -24.50 7.60 -9.93
C MET B 170 -24.40 9.02 -10.46
N GLU B 171 -24.67 10.01 -9.58
CA GLU B 171 -24.63 11.41 -9.99
C GLU B 171 -23.24 11.85 -10.39
N LEU B 172 -22.21 11.30 -9.73
CA LEU B 172 -20.84 11.67 -10.05
C LEU B 172 -20.34 11.03 -11.34
N GLY B 173 -20.98 9.94 -11.78
CA GLY B 173 -20.55 9.23 -12.95
C GLY B 173 -19.31 8.40 -12.73
N TYR B 174 -19.09 7.93 -11.50
CA TYR B 174 -17.85 7.23 -11.21
C TYR B 174 -17.96 5.71 -11.36
N LEU B 175 -19.16 5.16 -11.54
CA LEU B 175 -19.25 3.72 -11.69
C LEU B 175 -18.74 3.23 -13.05
#